data_9J89
#
_entry.id   9J89
#
_cell.length_a   30.240
_cell.length_b   173.950
_cell.length_c   30.440
_cell.angle_alpha   90.00
_cell.angle_beta   94.42
_cell.angle_gamma   90.00
#
_symmetry.space_group_name_H-M   'P 1 21 1'
#
loop_
_entity.id
_entity.type
_entity.pdbx_description
1 polymer "DNA (5'-D(P*CP*AP*CP*GP*CP*A)-3')"
2 polymer 'Z-DNA-binding protein 1'
3 polymer "RNA (5'-R(P*UP*GP*CP*GP*UP*G)-3')"
4 non-polymer 'MAGNESIUM ION'
5 water water
#
loop_
_entity_poly.entity_id
_entity_poly.type
_entity_poly.pdbx_seq_one_letter_code
_entity_poly.pdbx_strand_id
1 'polydeoxyribonucleotide' (DC)(DA)(DC)(DG)(DC)(DA) C,G
2 'polypeptide(L)' DPGREGHLEQRILQVLTEAGSPVKLAQLVKECQAPKRELNQVLYRMKKELKVSLTSPATWCLGG D,F,H,A
3 'polyribonucleotide' UGCGUG E,B
#
# COMPACT_ATOMS: atom_id res chain seq x y z
N ASP C 1 17.93 -18.40 15.14
CA ASP C 1 19.01 -18.76 14.23
C ASP C 1 18.99 -17.89 12.97
N PRO C 2 19.97 -17.00 12.84
CA PRO C 2 19.85 -15.93 11.84
C PRO C 2 19.94 -16.43 10.42
N GLY C 3 20.71 -17.47 10.16
CA GLY C 3 20.75 -18.04 8.82
C GLY C 3 19.40 -18.58 8.40
N ARG C 4 18.77 -19.34 9.31
CA ARG C 4 17.44 -19.91 9.01
C ARG C 4 16.43 -18.77 8.85
N GLU C 5 16.50 -17.78 9.74
CA GLU C 5 15.55 -16.69 9.70
C GLU C 5 15.71 -15.88 8.42
N GLY C 6 16.95 -15.68 7.98
CA GLY C 6 17.17 -14.95 6.74
C GLY C 6 16.54 -15.65 5.55
N HIS C 7 16.72 -16.96 5.47
CA HIS C 7 16.13 -17.69 4.36
C HIS C 7 14.62 -17.68 4.46
N LEU C 8 14.10 -17.73 5.68
CA LEU C 8 12.66 -17.73 5.83
C LEU C 8 12.10 -16.38 5.39
N GLU C 9 12.77 -15.28 5.74
CA GLU C 9 12.32 -13.97 5.28
C GLU C 9 12.40 -13.89 3.76
N GLN C 10 13.45 -14.50 3.18
CA GLN C 10 13.57 -14.54 1.71
C GLN C 10 12.35 -15.18 1.07
N ARG C 11 11.96 -16.36 1.58
CA ARG C 11 10.86 -17.12 1.03
C ARG C 11 9.53 -16.41 1.23
N ILE C 12 9.33 -15.83 2.42
CA ILE C 12 8.12 -15.05 2.67
C ILE C 12 8.00 -13.94 1.64
N LEU C 13 9.07 -13.17 1.47
CA LEU C 13 9.02 -12.08 0.50
C LEU C 13 8.77 -12.60 -0.90
N GLN C 14 9.38 -13.71 -1.28
CA GLN C 14 9.13 -14.25 -2.62
C GLN C 14 7.64 -14.58 -2.81
N VAL C 15 7.04 -15.25 -1.82
CA VAL C 15 5.63 -15.62 -1.92
C VAL C 15 4.75 -14.38 -1.97
N LEU C 16 4.98 -13.43 -1.07
CA LEU C 16 4.09 -12.27 -1.04
C LEU C 16 4.27 -11.42 -2.28
N THR C 17 5.50 -11.29 -2.78
CA THR C 17 5.73 -10.50 -3.99
C THR C 17 5.03 -11.12 -5.19
N GLU C 18 5.20 -12.44 -5.38
CA GLU C 18 4.61 -13.09 -6.56
C GLU C 18 3.10 -13.07 -6.51
N ALA C 19 2.50 -13.14 -5.31
CA ALA C 19 1.05 -13.18 -5.21
C ALA C 19 0.41 -11.88 -5.68
N GLY C 20 1.03 -10.74 -5.42
CA GLY C 20 0.42 -9.48 -5.79
C GLY C 20 -0.85 -9.18 -5.03
N SER C 21 -1.07 -9.86 -3.93
CA SER C 21 -2.32 -9.83 -3.19
C SER C 21 -2.08 -10.43 -1.81
N PRO C 22 -3.04 -10.33 -0.89
CA PRO C 22 -2.81 -10.90 0.44
C PRO C 22 -2.75 -12.42 0.39
N VAL C 23 -1.93 -12.97 1.28
CA VAL C 23 -1.67 -14.40 1.35
C VAL C 23 -1.96 -14.88 2.77
N LYS C 24 -2.68 -15.99 2.89
CA LYS C 24 -2.95 -16.50 4.22
C LYS C 24 -1.72 -17.21 4.81
N LEU C 25 -1.65 -17.18 6.15
CA LEU C 25 -0.58 -17.87 6.85
C LEU C 25 -0.53 -19.35 6.48
N ALA C 26 -1.69 -19.98 6.29
CA ALA C 26 -1.72 -21.39 5.92
C ALA C 26 -0.92 -21.65 4.63
N GLN C 27 -1.06 -20.76 3.64
CA GLN C 27 -0.23 -20.80 2.43
C GLN C 27 1.24 -20.69 2.77
N LEU C 28 1.58 -19.66 3.54
CA LEU C 28 2.97 -19.38 3.85
C LEU C 28 3.62 -20.57 4.54
N VAL C 29 2.89 -21.23 5.44
CA VAL C 29 3.44 -22.39 6.15
C VAL C 29 3.78 -23.48 5.15
N LYS C 30 2.92 -23.70 4.17
CA LYS C 30 3.22 -24.74 3.16
C LYS C 30 4.39 -24.30 2.28
N GLU C 31 4.41 -23.02 1.88
CA GLU C 31 5.42 -22.56 0.95
C GLU C 31 6.80 -22.58 1.59
N CYS C 32 6.86 -22.24 2.87
CA CYS C 32 8.13 -22.10 3.56
C CYS C 32 8.59 -23.40 4.20
N GLN C 33 7.69 -24.39 4.33
CA GLN C 33 8.01 -25.68 4.94
C GLN C 33 8.64 -25.48 6.32
N ALA C 34 8.08 -24.54 7.07
CA ALA C 34 8.51 -24.21 8.41
C ALA C 34 7.31 -24.22 9.36
N PRO C 35 7.53 -24.52 10.64
CA PRO C 35 6.41 -24.49 11.58
C PRO C 35 5.80 -23.10 11.68
N LYS C 36 4.48 -23.07 11.85
CA LYS C 36 3.70 -21.83 11.92
C LYS C 36 4.30 -20.85 12.92
N ARG C 37 4.77 -21.36 14.06
CA ARG C 37 5.32 -20.46 15.08
C ARG C 37 6.54 -19.71 14.56
N GLU C 38 7.43 -20.40 13.86
CA GLU C 38 8.65 -19.73 13.41
C GLU C 38 8.38 -18.77 12.27
N LEU C 39 7.37 -19.07 11.45
CA LEU C 39 6.96 -18.12 10.43
C LEU C 39 6.40 -16.86 11.07
N ASN C 40 5.62 -17.03 12.13
CA ASN C 40 4.97 -15.90 12.76
C ASN C 40 5.99 -15.03 13.50
N GLN C 41 7.04 -15.62 14.07
CA GLN C 41 8.08 -14.79 14.67
C GLN C 41 8.73 -13.89 13.62
N VAL C 42 8.95 -14.40 12.41
CA VAL C 42 9.56 -13.57 11.36
C VAL C 42 8.53 -12.58 10.80
N LEU C 43 7.29 -13.03 10.56
CA LEU C 43 6.29 -12.14 9.96
C LEU C 43 6.03 -10.92 10.83
N TYR C 44 5.85 -11.12 12.13
CA TYR C 44 5.54 -9.99 13.00
C TYR C 44 6.74 -9.08 13.19
N ARG C 45 7.96 -9.60 13.04
CA ARG C 45 9.14 -8.74 13.00
C ARG C 45 9.18 -7.93 11.70
N MET C 46 8.89 -8.58 10.58
CA MET C 46 8.85 -7.85 9.29
C MET C 46 7.73 -6.80 9.33
N LYS C 47 6.65 -7.06 10.07
CA LYS C 47 5.59 -6.05 10.14
C LYS C 47 6.08 -4.81 10.86
N LYS C 48 6.81 -4.98 11.96
CA LYS C 48 7.39 -3.85 12.66
C LYS C 48 8.33 -3.07 11.78
N GLU C 49 9.02 -3.76 10.88
CA GLU C 49 9.96 -3.17 9.94
C GLU C 49 9.27 -2.55 8.74
N LEU C 50 7.95 -2.64 8.67
CA LEU C 50 7.12 -2.09 7.59
C LEU C 50 7.41 -2.75 6.25
N LYS C 51 7.80 -4.02 6.28
CA LYS C 51 8.05 -4.75 5.04
C LYS C 51 6.80 -5.45 4.54
N VAL C 52 5.89 -5.76 5.46
CA VAL C 52 4.65 -6.48 5.18
C VAL C 52 3.55 -5.84 6.02
N SER C 53 2.32 -6.06 5.60
CA SER C 53 1.17 -5.63 6.39
C SER C 53 0.27 -6.81 6.71
N LEU C 54 -0.35 -6.73 7.89
CA LEU C 54 -1.40 -7.65 8.31
C LEU C 54 -2.72 -7.08 7.86
N THR C 55 -3.26 -7.58 6.75
CA THR C 55 -4.48 -7.01 6.18
C THR C 55 -5.76 -7.54 6.84
N SER C 56 -5.69 -8.71 7.46
CA SER C 56 -6.78 -9.27 8.25
C SER C 56 -6.17 -10.41 9.05
N PRO C 57 -6.92 -10.99 10.00
CA PRO C 57 -6.28 -12.01 10.86
C PRO C 57 -5.52 -13.06 10.05
N ALA C 58 -4.24 -13.20 10.40
CA ALA C 58 -3.32 -14.20 9.80
C ALA C 58 -3.27 -14.12 8.28
N THR C 59 -3.40 -12.91 7.73
CA THR C 59 -3.34 -12.69 6.29
C THR C 59 -2.40 -11.52 6.03
N TRP C 60 -1.49 -11.72 5.07
CA TRP C 60 -0.30 -10.89 4.94
C TRP C 60 -0.14 -10.37 3.53
N CYS C 61 0.29 -9.10 3.41
CA CYS C 61 0.53 -8.51 2.11
C CYS C 61 1.91 -7.86 2.11
N LEU C 62 2.57 -7.87 0.95
CA LEU C 62 3.81 -7.13 0.79
C LEU C 62 3.59 -5.65 1.01
N GLY C 63 4.54 -5.02 1.70
CA GLY C 63 4.54 -3.58 1.84
C GLY C 63 3.87 -3.15 3.13
N GLY C 64 4.30 -2.00 3.63
CA GLY C 64 3.73 -1.44 4.84
C GLY C 64 2.45 -0.67 4.55
N ASP D 1 -8.56 1.69 -27.35
CA ASP D 1 -8.99 0.34 -27.71
C ASP D 1 -8.98 -0.58 -26.49
N PRO D 2 -10.15 -0.99 -26.02
CA PRO D 2 -10.20 -1.74 -24.74
C PRO D 2 -9.43 -3.05 -24.74
N GLY D 3 -9.27 -3.73 -25.88
CA GLY D 3 -8.49 -4.96 -25.87
C GLY D 3 -7.02 -4.68 -25.63
N ARG D 4 -6.49 -3.69 -26.35
CA ARG D 4 -5.12 -3.25 -26.14
C ARG D 4 -4.93 -2.76 -24.71
N GLU D 5 -5.88 -1.96 -24.20
CA GLU D 5 -5.78 -1.42 -22.84
C GLU D 5 -5.75 -2.53 -21.81
N GLY D 6 -6.56 -3.58 -21.99
CA GLY D 6 -6.57 -4.66 -21.02
C GLY D 6 -5.24 -5.39 -20.95
N HIS D 7 -4.65 -5.65 -22.12
CA HIS D 7 -3.34 -6.30 -22.13
C HIS D 7 -2.27 -5.41 -21.55
N LEU D 8 -2.35 -4.11 -21.80
CA LEU D 8 -1.39 -3.19 -21.21
C LEU D 8 -1.49 -3.24 -19.70
N GLU D 9 -2.72 -3.19 -19.18
CA GLU D 9 -2.89 -3.24 -17.74
C GLU D 9 -2.38 -4.55 -17.19
N GLN D 10 -2.63 -5.65 -17.91
CA GLN D 10 -2.07 -6.94 -17.49
C GLN D 10 -0.57 -6.87 -17.37
N ARG D 11 0.09 -6.35 -18.41
CA ARG D 11 1.56 -6.31 -18.40
C ARG D 11 2.07 -5.38 -17.31
N ILE D 12 1.42 -4.22 -17.11
CA ILE D 12 1.82 -3.32 -16.03
C ILE D 12 1.76 -4.03 -14.68
N LEU D 13 0.63 -4.69 -14.40
CA LEU D 13 0.54 -5.38 -13.11
C LEU D 13 1.59 -6.47 -12.99
N GLN D 14 1.88 -7.18 -14.08
CA GLN D 14 2.90 -8.21 -14.00
C GLN D 14 4.25 -7.61 -13.66
N VAL D 15 4.60 -6.49 -14.29
CA VAL D 15 5.92 -5.92 -14.02
C VAL D 15 5.98 -5.34 -12.62
N LEU D 16 4.92 -4.65 -12.19
CA LEU D 16 4.94 -4.07 -10.85
C LEU D 16 4.90 -5.14 -9.78
N THR D 17 4.14 -6.20 -10.02
CA THR D 17 4.09 -7.32 -9.07
C THR D 17 5.43 -7.99 -8.94
N GLU D 18 6.06 -8.33 -10.06
CA GLU D 18 7.33 -9.05 -9.99
C GLU D 18 8.41 -8.21 -9.32
N ALA D 19 8.32 -6.89 -9.45
CA ALA D 19 9.39 -6.03 -8.98
C ALA D 19 9.42 -5.88 -7.46
N GLY D 20 8.26 -5.97 -6.81
CA GLY D 20 8.22 -5.82 -5.37
C GLY D 20 8.72 -4.48 -4.88
N SER D 21 8.76 -3.49 -5.76
CA SER D 21 9.40 -2.22 -5.51
C SER D 21 8.90 -1.24 -6.56
N PRO D 22 9.18 0.06 -6.41
CA PRO D 22 8.75 1.02 -7.43
C PRO D 22 9.48 0.81 -8.75
N VAL D 23 8.77 1.10 -9.85
CA VAL D 23 9.26 0.88 -11.20
C VAL D 23 9.13 2.18 -11.99
N LYS D 24 10.17 2.52 -12.74
CA LYS D 24 10.14 3.75 -13.50
C LYS D 24 9.37 3.56 -14.80
N LEU D 25 8.70 4.63 -15.23
CA LEU D 25 7.98 4.62 -16.51
C LEU D 25 8.87 4.12 -17.64
N ALA D 26 10.16 4.49 -17.64
CA ALA D 26 11.06 4.07 -18.70
C ALA D 26 11.18 2.55 -18.78
N GLN D 27 11.20 1.88 -17.64
CA GLN D 27 11.17 0.42 -17.63
C GLN D 27 9.86 -0.09 -18.21
N LEU D 28 8.74 0.54 -17.82
CA LEU D 28 7.44 0.03 -18.23
C LEU D 28 7.24 0.23 -19.73
N VAL D 29 7.77 1.32 -20.28
CA VAL D 29 7.70 1.53 -21.72
C VAL D 29 8.38 0.38 -22.45
N LYS D 30 9.53 -0.06 -21.93
CA LYS D 30 10.31 -1.13 -22.60
C LYS D 30 9.59 -2.47 -22.42
N GLU D 31 9.12 -2.74 -21.20
CA GLU D 31 8.44 -4.00 -20.89
C GLU D 31 7.16 -4.17 -21.71
N CYS D 32 6.37 -3.11 -21.84
CA CYS D 32 5.09 -3.17 -22.54
C CYS D 32 5.23 -2.94 -24.04
N GLN D 33 6.37 -2.43 -24.50
CA GLN D 33 6.59 -2.11 -25.91
C GLN D 33 5.49 -1.20 -26.44
N ALA D 34 5.18 -0.17 -25.65
CA ALA D 34 4.11 0.77 -25.95
C ALA D 34 4.60 2.18 -25.67
N PRO D 35 4.06 3.18 -26.37
CA PRO D 35 4.43 4.56 -26.09
C PRO D 35 4.03 5.00 -24.70
N LYS D 36 4.82 5.92 -24.17
CA LYS D 36 4.61 6.47 -22.83
C LYS D 36 3.20 7.04 -22.67
N ARG D 37 2.66 7.66 -23.72
CA ARG D 37 1.30 8.26 -23.63
C ARG D 37 0.28 7.15 -23.36
N GLU D 38 0.32 6.07 -24.13
CA GLU D 38 -0.66 4.96 -23.96
C GLU D 38 -0.49 4.36 -22.57
N LEU D 39 0.77 4.21 -22.15
CA LEU D 39 1.02 3.66 -20.82
C LEU D 39 0.45 4.56 -19.74
N ASN D 40 0.65 5.86 -19.89
CA ASN D 40 0.25 6.81 -18.86
C ASN D 40 -1.26 6.92 -18.79
N GLN D 41 -1.94 6.81 -19.93
CA GLN D 41 -3.40 6.82 -19.89
C GLN D 41 -3.94 5.67 -19.03
N VAL D 42 -3.30 4.49 -19.13
CA VAL D 42 -3.74 3.35 -18.33
C VAL D 42 -3.28 3.51 -16.89
N LEU D 43 -2.05 3.96 -16.67
CA LEU D 43 -1.47 4.06 -15.34
C LEU D 43 -2.25 5.01 -14.45
N TYR D 44 -2.58 6.20 -14.97
CA TYR D 44 -3.29 7.15 -14.14
C TYR D 44 -4.74 6.71 -13.91
N ARG D 45 -5.31 5.91 -14.82
CA ARG D 45 -6.63 5.34 -14.55
C ARG D 45 -6.53 4.30 -13.45
N MET D 46 -5.49 3.46 -13.52
CA MET D 46 -5.24 2.46 -12.51
C MET D 46 -5.01 3.12 -11.17
N LYS D 47 -4.36 4.28 -11.18
CA LYS D 47 -4.14 5.05 -9.96
C LYS D 47 -5.46 5.42 -9.30
N LYS D 48 -6.41 5.92 -10.11
CA LYS D 48 -7.72 6.30 -9.57
C LYS D 48 -8.45 5.09 -9.01
N GLU D 49 -8.30 3.92 -9.65
CA GLU D 49 -8.88 2.67 -9.20
C GLU D 49 -8.16 2.08 -8.01
N LEU D 50 -7.11 2.74 -7.52
CA LEU D 50 -6.33 2.31 -6.34
C LEU D 50 -5.61 0.98 -6.58
N LYS D 51 -5.19 0.74 -7.82
CA LYS D 51 -4.46 -0.49 -8.14
C LYS D 51 -2.96 -0.30 -8.04
N VAL D 52 -2.51 0.94 -8.21
CA VAL D 52 -1.11 1.32 -8.26
C VAL D 52 -1.00 2.67 -7.57
N SER D 53 0.22 3.01 -7.16
CA SER D 53 0.47 4.34 -6.62
C SER D 53 1.64 5.00 -7.32
N LEU D 54 1.56 6.32 -7.41
CA LEU D 54 2.65 7.17 -7.86
C LEU D 54 3.54 7.49 -6.67
N THR D 55 4.71 6.87 -6.61
CA THR D 55 5.60 7.05 -5.47
C THR D 55 6.57 8.22 -5.64
N SER D 56 6.92 8.57 -6.87
CA SER D 56 7.62 9.81 -7.19
C SER D 56 7.33 10.10 -8.65
N PRO D 57 7.75 11.25 -9.19
CA PRO D 57 7.42 11.54 -10.59
C PRO D 57 7.75 10.37 -11.52
N ALA D 58 6.73 9.93 -12.27
CA ALA D 58 6.88 8.87 -13.28
C ALA D 58 7.45 7.58 -12.69
N THR D 59 7.10 7.28 -11.43
CA THR D 59 7.55 6.07 -10.76
C THR D 59 6.38 5.45 -10.03
N TRP D 60 6.21 4.15 -10.22
CA TRP D 60 4.96 3.47 -9.90
C TRP D 60 5.19 2.25 -9.03
N CYS D 61 4.24 2.00 -8.13
CA CYS D 61 4.26 0.85 -7.26
C CYS D 61 2.93 0.13 -7.29
N LEU D 62 2.98 -1.19 -7.15
CA LEU D 62 1.75 -1.96 -6.96
C LEU D 62 1.04 -1.55 -5.68
N GLY D 63 -0.27 -1.43 -5.78
CA GLY D 63 -1.12 -1.22 -4.62
C GLY D 63 -1.48 0.24 -4.47
N GLY D 64 -2.66 0.49 -3.91
CA GLY D 64 -3.11 1.84 -3.65
C GLY D 64 -2.28 2.51 -2.59
N ASP E 1 7.23 23.60 -39.09
CA ASP E 1 7.00 24.18 -40.44
C ASP E 1 7.40 25.68 -40.39
N PRO E 2 8.61 26.13 -40.84
CA PRO E 2 8.97 27.55 -40.69
C PRO E 2 8.00 28.52 -41.34
N GLY E 3 7.46 28.20 -42.51
CA GLY E 3 6.49 29.08 -43.12
C GLY E 3 5.21 29.18 -42.30
N ARG E 4 4.68 28.04 -41.86
CA ARG E 4 3.45 28.06 -41.08
C ARG E 4 3.68 28.76 -39.73
N GLU E 5 4.82 28.50 -39.10
CA GLU E 5 5.08 29.10 -37.79
C GLU E 5 5.34 30.60 -37.91
N GLY E 6 5.89 31.04 -39.03
CA GLY E 6 6.11 32.48 -39.21
C GLY E 6 4.81 33.25 -39.32
N HIS E 7 3.83 32.69 -40.05
CA HIS E 7 2.54 33.36 -40.12
C HIS E 7 1.83 33.34 -38.79
N LEU E 8 1.96 32.24 -38.04
CA LEU E 8 1.34 32.19 -36.72
C LEU E 8 1.98 33.21 -35.78
N GLU E 9 3.30 33.36 -35.82
CA GLU E 9 3.93 34.35 -34.96
C GLU E 9 3.45 35.75 -35.31
N GLN E 10 3.24 36.02 -36.60
CA GLN E 10 2.73 37.33 -36.98
C GLN E 10 1.32 37.55 -36.44
N ARG E 11 0.45 36.54 -36.53
CA ARG E 11 -0.89 36.69 -35.98
C ARG E 11 -0.86 36.89 -34.46
N ILE E 12 0.03 36.18 -33.76
CA ILE E 12 0.15 36.40 -32.31
C ILE E 12 0.52 37.86 -32.04
N LEU E 13 1.55 38.36 -32.73
CA LEU E 13 1.93 39.75 -32.51
C LEU E 13 0.76 40.68 -32.76
N GLN E 14 -0.04 40.42 -33.80
CA GLN E 14 -1.16 41.30 -34.07
C GLN E 14 -2.12 41.31 -32.90
N VAL E 15 -2.40 40.13 -32.33
CA VAL E 15 -3.38 40.03 -31.25
C VAL E 15 -2.84 40.69 -29.99
N LEU E 16 -1.59 40.42 -29.63
CA LEU E 16 -1.02 41.03 -28.43
C LEU E 16 -0.85 42.54 -28.55
N THR E 17 -0.58 43.03 -29.76
CA THR E 17 -0.40 44.49 -29.98
C THR E 17 -1.76 45.19 -29.78
N GLU E 18 -2.80 44.66 -30.42
CA GLU E 18 -4.09 45.33 -30.34
C GLU E 18 -4.64 45.27 -28.91
N ALA E 19 -4.34 44.20 -28.18
CA ALA E 19 -4.90 44.05 -26.85
C ALA E 19 -4.31 45.04 -25.88
N GLY E 20 -3.02 45.37 -26.03
CA GLY E 20 -2.37 46.28 -25.11
C GLY E 20 -2.33 45.78 -23.69
N SER E 21 -2.55 44.48 -23.51
CA SER E 21 -2.80 43.88 -22.20
C SER E 21 -2.42 42.40 -22.30
N PRO E 22 -2.21 41.74 -21.16
CA PRO E 22 -1.97 40.29 -21.20
C PRO E 22 -3.19 39.57 -21.74
N VAL E 23 -2.96 38.58 -22.59
CA VAL E 23 -4.01 37.84 -23.28
C VAL E 23 -3.91 36.38 -22.90
N LYS E 24 -5.05 35.75 -22.58
CA LYS E 24 -5.05 34.34 -22.21
C LYS E 24 -4.98 33.46 -23.45
N LEU E 25 -4.38 32.29 -23.28
CA LEU E 25 -4.20 31.35 -24.39
C LEU E 25 -5.50 31.11 -25.15
N ALA E 26 -6.61 30.99 -24.44
CA ALA E 26 -7.85 30.61 -25.10
C ALA E 26 -8.32 31.70 -26.06
N GLN E 27 -8.10 32.96 -25.70
CA GLN E 27 -8.36 34.06 -26.63
C GLN E 27 -7.41 33.99 -27.82
N LEU E 28 -6.14 33.67 -27.57
CA LEU E 28 -5.19 33.59 -28.66
C LEU E 28 -5.57 32.48 -29.63
N VAL E 29 -6.05 31.34 -29.10
CA VAL E 29 -6.44 30.24 -29.97
C VAL E 29 -7.60 30.64 -30.86
N LYS E 30 -8.56 31.36 -30.30
CA LYS E 30 -9.76 31.78 -31.07
C LYS E 30 -9.35 32.86 -32.09
N GLU E 31 -8.55 33.83 -31.68
CA GLU E 31 -8.21 34.93 -32.56
C GLU E 31 -7.28 34.48 -33.69
N CYS E 32 -6.32 33.60 -33.39
CA CYS E 32 -5.35 33.17 -34.36
C CYS E 32 -5.83 31.99 -35.19
N GLN E 33 -6.94 31.36 -34.80
CA GLN E 33 -7.56 30.26 -35.55
C GLN E 33 -6.54 29.16 -35.86
N ALA E 34 -5.92 28.66 -34.80
CA ALA E 34 -4.88 27.64 -34.87
C ALA E 34 -4.98 26.79 -33.62
N PRO E 35 -4.57 25.51 -33.70
CA PRO E 35 -4.69 24.64 -32.52
C PRO E 35 -3.80 25.10 -31.40
N LYS E 36 -4.22 24.77 -30.17
CA LYS E 36 -3.57 25.27 -28.97
C LYS E 36 -2.11 24.84 -28.91
N ARG E 37 -1.84 23.60 -29.33
CA ARG E 37 -0.44 23.09 -29.32
C ARG E 37 0.43 23.96 -30.23
N GLU E 38 -0.06 24.27 -31.44
CA GLU E 38 0.75 25.06 -32.41
C GLU E 38 1.01 26.45 -31.82
N LEU E 39 0.02 27.04 -31.17
CA LEU E 39 0.21 28.41 -30.64
C LEU E 39 1.22 28.34 -29.52
N ASN E 40 1.21 27.24 -28.77
CA ASN E 40 2.03 27.18 -27.58
C ASN E 40 3.50 26.94 -27.95
N GLN E 41 3.70 26.18 -29.02
CA GLN E 41 5.08 25.93 -29.52
C GLN E 41 5.70 27.27 -29.96
N VAL E 42 4.89 28.14 -30.54
CA VAL E 42 5.44 29.41 -31.03
C VAL E 42 5.57 30.40 -29.87
N LEU E 43 4.60 30.42 -28.96
CA LEU E 43 4.66 31.34 -27.83
C LEU E 43 5.86 31.06 -26.93
N TYR E 44 6.14 29.79 -26.67
CA TYR E 44 7.25 29.51 -25.76
C TYR E 44 8.59 29.77 -26.43
N ARG E 45 8.68 29.65 -27.76
CA ARG E 45 9.94 30.02 -28.47
C ARG E 45 10.08 31.54 -28.40
N MET E 46 8.98 32.24 -28.63
CA MET E 46 8.92 33.70 -28.56
C MET E 46 9.36 34.19 -27.19
N LYS E 47 9.00 33.44 -26.14
CA LYS E 47 9.40 33.79 -24.78
C LYS E 47 10.91 33.67 -24.60
N LYS E 48 11.49 32.57 -25.11
CA LYS E 48 12.94 32.43 -25.06
C LYS E 48 13.64 33.55 -25.82
N GLU E 49 13.04 34.03 -26.91
CA GLU E 49 13.58 35.14 -27.67
C GLU E 49 13.28 36.51 -27.08
N LEU E 50 12.65 36.54 -25.89
CA LEU E 50 12.31 37.78 -25.18
C LEU E 50 11.41 38.69 -26.02
N LYS E 51 10.57 38.09 -26.86
CA LYS E 51 9.59 38.87 -27.61
C LYS E 51 8.27 39.00 -26.87
N VAL E 52 7.97 38.05 -25.99
CA VAL E 52 6.76 38.07 -25.19
C VAL E 52 7.14 37.65 -23.77
N SER E 53 6.20 37.84 -22.85
CA SER E 53 6.35 37.42 -21.48
C SER E 53 5.15 36.59 -21.05
N LEU E 54 5.41 35.53 -20.30
CA LEU E 54 4.42 34.80 -19.51
C LEU E 54 4.16 35.53 -18.19
N THR E 55 3.04 36.24 -18.11
CA THR E 55 2.72 37.03 -16.93
C THR E 55 1.99 36.23 -15.87
N SER E 56 1.36 35.15 -16.28
CA SER E 56 0.53 34.28 -15.47
C SER E 56 0.39 32.96 -16.22
N PRO E 57 -0.02 31.87 -15.57
CA PRO E 57 -0.16 30.62 -16.33
C PRO E 57 -1.02 30.79 -17.57
N ALA E 58 -0.45 30.39 -18.73
CA ALA E 58 -1.13 30.45 -20.02
C ALA E 58 -1.65 31.85 -20.34
N THR E 59 -0.95 32.89 -19.87
CA THR E 59 -1.31 34.28 -20.14
C THR E 59 -0.09 35.04 -20.63
N TRP E 60 -0.25 35.77 -21.73
CA TRP E 60 0.88 36.25 -22.52
C TRP E 60 0.77 37.74 -22.79
N CYS E 61 1.91 38.44 -22.77
CA CYS E 61 1.85 39.87 -23.05
C CYS E 61 3.03 40.24 -23.94
N LEU E 62 2.83 41.26 -24.79
CA LEU E 62 3.89 41.71 -25.69
C LEU E 62 5.09 42.25 -24.92
N GLY E 63 6.27 41.91 -25.41
CA GLY E 63 7.51 42.44 -24.87
C GLY E 63 8.08 41.49 -23.84
N ASP F 1 -2.18 -34.54 33.60
CA ASP F 1 -2.15 -35.24 34.89
C ASP F 1 -3.36 -34.94 35.78
N PRO F 2 -4.27 -35.90 35.87
CA PRO F 2 -5.56 -35.61 36.51
C PRO F 2 -5.45 -35.32 37.99
N GLY F 3 -4.54 -35.96 38.73
CA GLY F 3 -4.45 -35.68 40.14
C GLY F 3 -3.97 -34.26 40.38
N ARG F 4 -3.06 -33.80 39.53
CA ARG F 4 -2.55 -32.41 39.63
C ARG F 4 -3.67 -31.45 39.23
N GLU F 5 -4.38 -31.77 38.15
CA GLU F 5 -5.48 -30.94 37.69
C GLU F 5 -6.59 -30.85 38.75
N GLY F 6 -6.87 -31.97 39.44
CA GLY F 6 -7.84 -31.92 40.52
C GLY F 6 -7.42 -31.00 41.65
N HIS F 7 -6.14 -31.05 42.02
CA HIS F 7 -5.64 -30.14 43.04
C HIS F 7 -5.75 -28.69 42.60
N LEU F 8 -5.53 -28.45 41.31
CA LEU F 8 -5.55 -27.09 40.81
C LEU F 8 -6.97 -26.53 40.87
N GLU F 9 -7.95 -27.31 40.41
CA GLU F 9 -9.34 -26.87 40.47
C GLU F 9 -9.76 -26.63 41.92
N GLN F 10 -9.41 -27.55 42.82
CA GLN F 10 -9.67 -27.38 44.25
C GLN F 10 -9.23 -26.01 44.74
N ARG F 11 -7.97 -25.69 44.47
CA ARG F 11 -7.39 -24.44 45.01
C ARG F 11 -8.03 -23.22 44.34
N ILE F 12 -8.21 -23.28 43.03
CA ILE F 12 -8.86 -22.18 42.32
C ILE F 12 -10.19 -21.86 42.97
N LEU F 13 -11.00 -22.90 43.22
CA LEU F 13 -12.32 -22.67 43.78
C LEU F 13 -12.21 -22.11 45.19
N GLN F 14 -11.29 -22.64 46.00
CA GLN F 14 -11.07 -22.13 47.34
C GLN F 14 -10.71 -20.65 47.31
N VAL F 15 -9.80 -20.27 46.41
CA VAL F 15 -9.34 -18.88 46.37
C VAL F 15 -10.43 -17.96 45.84
N LEU F 16 -11.16 -18.39 44.82
CA LEU F 16 -12.24 -17.56 44.31
C LEU F 16 -13.37 -17.47 45.32
N THR F 17 -13.60 -18.54 46.08
CA THR F 17 -14.66 -18.53 47.07
C THR F 17 -14.29 -17.63 48.24
N GLU F 18 -13.05 -17.74 48.72
CA GLU F 18 -12.60 -16.88 49.81
C GLU F 18 -12.47 -15.43 49.36
N ALA F 19 -12.32 -15.16 48.06
CA ALA F 19 -12.15 -13.78 47.63
C ALA F 19 -13.48 -13.02 47.57
N GLY F 20 -14.53 -13.67 47.09
CA GLY F 20 -15.82 -12.98 46.98
C GLY F 20 -15.79 -11.82 46.01
N SER F 21 -14.76 -11.75 45.19
CA SER F 21 -14.50 -10.67 44.26
C SER F 21 -13.58 -11.21 43.18
N PRO F 22 -13.50 -10.56 42.02
CA PRO F 22 -12.66 -11.08 40.94
C PRO F 22 -11.20 -11.19 41.36
N VAL F 23 -10.56 -12.25 40.85
CA VAL F 23 -9.14 -12.54 41.18
C VAL F 23 -8.36 -12.65 39.87
N LYS F 24 -7.22 -11.97 39.81
CA LYS F 24 -6.38 -12.00 38.58
C LYS F 24 -5.59 -13.31 38.49
N LEU F 25 -5.26 -13.72 37.28
CA LEU F 25 -4.45 -14.95 37.05
C LEU F 25 -3.14 -14.83 37.83
N ALA F 26 -2.57 -13.62 37.91
CA ALA F 26 -1.30 -13.45 38.60
C ALA F 26 -1.39 -13.92 40.04
N GLN F 27 -2.50 -13.65 40.71
CA GLN F 27 -2.68 -14.18 42.07
C GLN F 27 -2.83 -15.69 42.02
N LEU F 28 -3.64 -16.17 41.09
CA LEU F 28 -3.93 -17.60 41.03
C LEU F 28 -2.66 -18.41 40.80
N VAL F 29 -1.75 -17.93 39.95
CA VAL F 29 -0.53 -18.67 39.69
C VAL F 29 0.29 -18.77 40.97
N LYS F 30 0.30 -17.69 41.76
CA LYS F 30 1.01 -17.71 43.03
C LYS F 30 0.33 -18.63 44.03
N GLU F 31 -1.01 -18.60 44.09
CA GLU F 31 -1.75 -19.42 45.09
C GLU F 31 -1.61 -20.91 44.76
N CYS F 32 -1.57 -21.25 43.47
CA CYS F 32 -1.57 -22.68 43.09
C CYS F 32 -0.15 -23.23 42.89
N GLN F 33 0.88 -22.38 42.94
CA GLN F 33 2.28 -22.82 42.71
C GLN F 33 2.28 -23.67 41.44
N ALA F 34 1.85 -23.09 40.33
CA ALA F 34 1.68 -23.83 39.08
C ALA F 34 2.00 -22.89 37.93
N PRO F 35 2.56 -23.40 36.84
CA PRO F 35 2.79 -22.56 35.66
C PRO F 35 1.49 -22.02 35.10
N LYS F 36 1.56 -20.79 34.58
CA LYS F 36 0.36 -20.08 34.11
C LYS F 36 -0.40 -20.89 33.07
N ARG F 37 0.31 -21.57 32.18
CA ARG F 37 -0.37 -22.34 31.15
C ARG F 37 -1.18 -23.49 31.76
N GLU F 38 -0.65 -24.13 32.81
CA GLU F 38 -1.36 -25.25 33.44
C GLU F 38 -2.61 -24.75 34.17
N LEU F 39 -2.52 -23.58 34.76
CA LEU F 39 -3.70 -22.99 35.44
C LEU F 39 -4.73 -22.60 34.40
N ASN F 40 -4.27 -22.09 33.25
CA ASN F 40 -5.20 -21.57 32.27
C ASN F 40 -5.90 -22.73 31.57
N GLN F 41 -5.23 -23.86 31.42
CA GLN F 41 -5.89 -25.05 30.90
C GLN F 41 -7.07 -25.45 31.78
N VAL F 42 -6.92 -25.31 33.09
CA VAL F 42 -7.99 -25.72 34.00
C VAL F 42 -9.06 -24.64 34.06
N LEU F 43 -8.63 -23.37 34.11
CA LEU F 43 -9.60 -22.28 34.21
C LEU F 43 -10.55 -22.26 33.02
N TYR F 44 -10.02 -22.43 31.81
CA TYR F 44 -10.91 -22.34 30.65
C TYR F 44 -11.77 -23.59 30.49
N ARG F 45 -11.35 -24.73 31.05
CA ARG F 45 -12.25 -25.87 31.12
C ARG F 45 -13.37 -25.61 32.11
N MET F 46 -13.03 -25.08 33.29
CA MET F 46 -14.08 -24.72 34.27
C MET F 46 -14.98 -23.62 33.68
N LYS F 47 -14.42 -22.73 32.84
CA LYS F 47 -15.26 -21.72 32.21
C LYS F 47 -16.32 -22.34 31.33
N LYS F 48 -15.94 -23.35 30.54
CA LYS F 48 -16.93 -24.03 29.70
C LYS F 48 -17.94 -24.78 30.54
N GLU F 49 -17.54 -25.25 31.71
CA GLU F 49 -18.48 -25.91 32.61
C GLU F 49 -19.35 -24.93 33.38
N LEU F 50 -19.12 -23.62 33.21
CA LEU F 50 -19.87 -22.55 33.86
C LEU F 50 -19.62 -22.50 35.36
N LYS F 51 -18.48 -23.03 35.80
CA LYS F 51 -18.10 -22.96 37.21
C LYS F 51 -17.44 -21.63 37.56
N VAL F 52 -16.73 -21.02 36.61
CA VAL F 52 -16.11 -19.73 36.83
C VAL F 52 -16.45 -18.87 35.63
N SER F 53 -16.35 -17.56 35.81
CA SER F 53 -16.55 -16.65 34.69
C SER F 53 -15.37 -15.70 34.60
N LEU F 54 -15.13 -15.24 33.37
CA LEU F 54 -14.19 -14.18 33.07
C LEU F 54 -14.90 -12.84 33.22
N THR F 55 -14.54 -12.08 34.25
CA THR F 55 -15.08 -10.72 34.37
C THR F 55 -14.37 -9.75 33.45
N SER F 56 -13.08 -9.94 33.24
CA SER F 56 -12.25 -9.12 32.37
C SER F 56 -11.01 -9.94 32.03
N PRO F 57 -10.19 -9.50 31.07
CA PRO F 57 -9.08 -10.36 30.64
C PRO F 57 -8.24 -10.89 31.80
N ALA F 58 -8.08 -12.22 31.82
CA ALA F 58 -7.30 -12.93 32.84
C ALA F 58 -7.75 -12.59 34.26
N THR F 59 -9.02 -12.29 34.44
CA THR F 59 -9.60 -12.03 35.75
C THR F 59 -10.84 -12.90 35.94
N TRP F 60 -10.89 -13.58 37.08
CA TRP F 60 -11.80 -14.70 37.26
C TRP F 60 -12.67 -14.53 38.50
N CYS F 61 -13.89 -15.04 38.40
CA CYS F 61 -14.80 -14.98 39.55
C CYS F 61 -15.61 -16.26 39.58
N LEU F 62 -16.27 -16.49 40.71
CA LEU F 62 -17.04 -17.71 40.87
C LEU F 62 -18.33 -17.63 40.07
N GLY F 63 -18.58 -18.66 39.27
CA GLY F 63 -19.81 -18.75 38.48
C GLY F 63 -21.03 -19.10 39.32
#